data_6WZS
#
_entry.id   6WZS
#
_cell.length_a   90.284
_cell.length_b   90.284
_cell.length_c   121.391
_cell.angle_alpha   90.000
_cell.angle_beta   90.000
_cell.angle_gamma   120.000
#
_symmetry.space_group_name_H-M   'P 32 2 1'
#
loop_
_entity.id
_entity.type
_entity.pdbx_description
1 polymer 'Fusibacterium ulcerans ZTP riboswitch'
2 non-polymer 'POTASSIUM ION'
3 non-polymer 'MAGNESIUM ION'
4 non-polymer 5-amino-1-(pyridin-3-yl)-1H-imidazole-4-carboxamide
5 water water
#
_entity_poly.entity_id   1
_entity_poly.type   'polyribonucleotide'
_entity_poly.pdbx_seq_one_letter_code
;UAUCAGUUAUAUGACUGACGGAACGUGGAAUUAACCACAUGAAGUAUAACGAUGACAAUGCCGACCGUCUGGGCG
;
_entity_poly.pdbx_strand_id   B,A
#